data_3RGY
#
_entry.id   3RGY
#
_cell.length_a   61.929
_cell.length_b   49.931
_cell.length_c   65.062
_cell.angle_alpha   90.00
_cell.angle_beta   106.86
_cell.angle_gamma   90.00
#
_symmetry.space_group_name_H-M   'P 1 21 1'
#
loop_
_entity.id
_entity.type
_entity.pdbx_description
1 polymer Lactotransferrin
2 branched beta-D-mannopyranose-(1-4)-2-acetamido-2-deoxy-beta-D-glucopyranose-(1-4)-2-acetamido-2-deoxy-beta-D-glucopyranose
3 branched 2-acetamido-2-deoxy-beta-D-glucopyranose-(1-4)-2-acetamido-2-deoxy-beta-D-glucopyranose
4 non-polymer 2-acetamido-2-deoxy-beta-D-glucopyranose
5 non-polymer 'ZINC ION'
6 non-polymer 'FE (III) ION'
7 non-polymer 'CARBONATE ION'
8 non-polymer 'SULFATE ION'
9 non-polymer '(R)-((2R,3S,4R,5R,6R)-3-HYDROXY-2-(HYDROXYMETHYL)-5-((R)-3-HYDROXYTETRADECANAMIDO)-6-(PHOSPHONOOXY)TETRAHYDRO-2H-PYRAN-4-YL) 3-HYDROXYTETRADECANOATE'
10 water water
#
_entity_poly.entity_id   1
_entity_poly.type   'polypeptide(L)'
_entity_poly.pdbx_seq_one_letter_code
;YTRVVWCAVGPEEQKKCQQWSQQSGQNVTCATASTTDDCIVLVLKGEADALNLDGGYIYTAGKCGLVPVLAENRKSSKHS
SLDCVLRPTEGYLAVAVVKKANEGLTWNSLKDKKSCHTAVDRTAGWNIPMGLIVNQTGSCAFDEFFSQSCAPGADPKSRL
CALCAGDDQGLDKCVPNSKEKYYGYTGAFRCLAEDVGDVAFVKNDTVWENTNGESTADWAKNLKREDFRLLCLDGTRKPV
TEAQSCHLAVAPNHAVVSRSDRAAHVEQVLLHQQALFGKNGKNCPDKFCLFKSETKNLLFNDNTECLAKLGGRPTYEEYL
GTEYVTAIANLKKCSTSPLLEACAF
;
_entity_poly.pdbx_strand_id   A
#
loop_
_chem_comp.id
_chem_comp.type
_chem_comp.name
_chem_comp.formula
BMA D-saccharide, beta linking beta-D-mannopyranose 'C6 H12 O6'
CO3 non-polymer 'CARBONATE ION' 'C O3 -2'
FE non-polymer 'FE (III) ION' 'Fe 3'
LP5 non-polymer '(R)-((2R,3S,4R,5R,6R)-3-HYDROXY-2-(HYDROXYMETHYL)-5-((R)-3-HYDROXYTETRADECANAMIDO)-6-(PHOSPHONOOXY)TETRAHYDRO-2H-PYRAN-4-YL) 3-HYDROXYTETRADECANOATE' 'C34 H66 N O12 P'
NAG D-saccharide, beta linking 2-acetamido-2-deoxy-beta-D-glucopyranose 'C8 H15 N O6'
SO4 non-polymer 'SULFATE ION' 'O4 S -2'
ZN non-polymer 'ZINC ION' 'Zn 2'
#
# COMPACT_ATOMS: atom_id res chain seq x y z
N TYR A 1 18.24 -18.41 17.39
CA TYR A 1 17.03 -17.95 18.13
C TYR A 1 16.52 -16.68 17.47
N THR A 2 17.42 -16.01 16.75
CA THR A 2 17.09 -14.79 16.05
C THR A 2 16.63 -15.12 14.63
N ARG A 3 15.84 -16.17 14.50
CA ARG A 3 15.31 -16.56 13.20
C ARG A 3 13.98 -15.83 13.09
N VAL A 4 13.83 -15.01 12.04
CA VAL A 4 12.61 -14.26 11.85
C VAL A 4 11.71 -14.84 10.77
N VAL A 5 10.45 -15.08 11.13
CA VAL A 5 9.49 -15.64 10.19
C VAL A 5 8.67 -14.52 9.57
N TRP A 6 8.92 -14.26 8.29
CA TRP A 6 8.20 -13.22 7.57
C TRP A 6 6.91 -13.81 7.03
N CYS A 7 5.89 -12.97 6.83
CA CYS A 7 4.63 -13.47 6.28
C CYS A 7 4.41 -12.86 4.92
N ALA A 8 4.34 -13.70 3.91
CA ALA A 8 4.14 -13.25 2.55
C ALA A 8 2.66 -13.35 2.20
N VAL A 9 2.15 -12.34 1.51
CA VAL A 9 0.74 -12.33 1.13
C VAL A 9 0.62 -12.75 -0.34
N GLY A 10 0.15 -13.97 -0.57
CA GLY A 10 -0.01 -14.46 -1.91
C GLY A 10 1.23 -15.19 -2.39
N PRO A 11 1.10 -15.99 -3.47
CA PRO A 11 2.20 -16.77 -4.05
C PRO A 11 3.39 -16.00 -4.63
N GLU A 12 3.17 -14.77 -5.09
CA GLU A 12 4.26 -14.00 -5.65
C GLU A 12 5.18 -13.50 -4.53
N GLU A 13 4.58 -12.98 -3.47
CA GLU A 13 5.38 -12.51 -2.34
C GLU A 13 6.05 -13.73 -1.70
N GLN A 14 5.34 -14.85 -1.69
CA GLN A 14 5.89 -16.07 -1.12
C GLN A 14 7.17 -16.43 -1.89
N LYS A 15 7.09 -16.33 -3.22
CA LYS A 15 8.24 -16.66 -4.05
C LYS A 15 9.43 -15.76 -3.71
N LYS A 16 9.19 -14.45 -3.63
CA LYS A 16 10.25 -13.51 -3.30
C LYS A 16 10.80 -13.80 -1.91
N CYS A 17 9.91 -14.09 -0.97
CA CYS A 17 10.31 -14.37 0.38
C CYS A 17 11.21 -15.61 0.46
N GLN A 18 10.88 -16.62 -0.36
CA GLN A 18 11.68 -17.83 -0.38
C GLN A 18 13.11 -17.54 -0.86
N GLN A 19 13.24 -16.65 -1.82
CA GLN A 19 14.56 -16.27 -2.33
C GLN A 19 15.32 -15.52 -1.25
N TRP A 20 14.60 -14.66 -0.53
CA TRP A 20 15.19 -13.88 0.56
C TRP A 20 15.67 -14.86 1.63
N SER A 21 14.85 -15.87 1.92
CA SER A 21 15.20 -16.86 2.92
C SER A 21 16.48 -17.58 2.49
N GLN A 22 16.48 -18.12 1.28
CA GLN A 22 17.63 -18.82 0.74
C GLN A 22 18.90 -17.99 0.91
N GLN A 23 18.85 -16.74 0.43
CA GLN A 23 20.00 -15.84 0.50
C GLN A 23 20.39 -15.43 1.92
N SER A 24 19.43 -15.37 2.83
CA SER A 24 19.72 -14.97 4.20
C SER A 24 20.29 -16.12 5.02
N GLY A 25 20.38 -17.29 4.41
CA GLY A 25 20.91 -18.44 5.12
C GLY A 25 19.94 -18.93 6.19
N GLN A 26 18.64 -18.77 5.91
CA GLN A 26 17.60 -19.20 6.83
C GLN A 26 17.37 -18.29 8.02
N ASN A 27 18.05 -17.14 8.06
CA ASN A 27 17.88 -16.20 9.17
C ASN A 27 16.49 -15.58 9.11
N VAL A 28 15.87 -15.74 7.95
CA VAL A 28 14.54 -15.27 7.68
C VAL A 28 13.92 -16.43 6.96
N THR A 29 12.76 -16.85 7.44
CA THR A 29 12.04 -17.93 6.81
C THR A 29 10.68 -17.38 6.43
N CYS A 30 9.88 -18.17 5.73
CA CYS A 30 8.60 -17.67 5.25
C CYS A 30 7.33 -18.42 5.62
N ALA A 31 6.32 -17.63 5.92
CA ALA A 31 4.98 -18.12 6.22
C ALA A 31 4.19 -17.40 5.15
N THR A 32 3.14 -18.02 4.64
CA THR A 32 2.35 -17.38 3.60
C THR A 32 0.87 -17.52 3.89
N ALA A 33 0.11 -16.48 3.57
CA ALA A 33 -1.34 -16.46 3.76
C ALA A 33 -1.94 -15.82 2.51
N SER A 34 -3.25 -15.97 2.31
CA SER A 34 -3.91 -15.40 1.13
C SER A 34 -4.20 -13.91 1.21
N THR A 35 -4.31 -13.38 2.42
CA THR A 35 -4.60 -11.96 2.57
C THR A 35 -3.78 -11.36 3.68
N THR A 36 -3.69 -10.04 3.69
CA THR A 36 -2.94 -9.34 4.72
C THR A 36 -3.57 -9.61 6.09
N ASP A 37 -4.90 -9.63 6.15
CA ASP A 37 -5.57 -9.90 7.42
C ASP A 37 -5.18 -11.28 7.95
N ASP A 38 -5.07 -12.26 7.05
CA ASP A 38 -4.69 -13.61 7.45
C ASP A 38 -3.25 -13.61 7.97
N CYS A 39 -2.38 -12.82 7.35
CA CYS A 39 -1.00 -12.75 7.82
C CYS A 39 -1.00 -12.14 9.22
N ILE A 40 -1.80 -11.11 9.43
CA ILE A 40 -1.87 -10.47 10.75
C ILE A 40 -2.25 -11.50 11.80
N VAL A 41 -3.20 -12.36 11.46
CA VAL A 41 -3.64 -13.42 12.38
C VAL A 41 -2.50 -14.42 12.64
N LEU A 42 -1.70 -14.73 11.62
CA LEU A 42 -0.58 -15.65 11.81
C LEU A 42 0.39 -15.05 12.81
N VAL A 43 0.60 -13.74 12.70
CA VAL A 43 1.51 -13.06 13.61
C VAL A 43 0.94 -13.08 15.03
N LEU A 44 -0.36 -12.80 15.13
CA LEU A 44 -1.02 -12.80 16.44
C LEU A 44 -0.90 -14.17 17.10
N LYS A 45 -1.03 -15.23 16.32
CA LYS A 45 -0.91 -16.58 16.87
C LYS A 45 0.55 -16.92 17.18
N GLY A 46 1.46 -16.16 16.60
CA GLY A 46 2.88 -16.40 16.84
C GLY A 46 3.47 -17.38 15.84
N GLU A 47 2.78 -17.58 14.71
CA GLU A 47 3.26 -18.50 13.69
C GLU A 47 4.05 -17.78 12.61
N ALA A 48 4.12 -16.45 12.75
CA ALA A 48 4.87 -15.59 11.87
C ALA A 48 5.29 -14.44 12.79
N ASP A 49 6.40 -13.78 12.47
CA ASP A 49 6.89 -12.69 13.30
C ASP A 49 6.51 -11.30 12.82
N ALA A 50 6.58 -11.08 11.51
CA ALA A 50 6.28 -9.76 11.00
C ALA A 50 5.97 -9.69 9.52
N LEU A 51 5.61 -8.49 9.10
CA LEU A 51 5.33 -8.17 7.70
C LEU A 51 5.21 -6.65 7.61
N ASN A 52 5.42 -6.13 6.41
CA ASN A 52 5.34 -4.69 6.15
C ASN A 52 3.89 -4.40 5.78
N LEU A 53 3.30 -3.37 6.39
CA LEU A 53 1.89 -3.06 6.14
C LEU A 53 1.57 -1.62 5.80
N ASP A 54 0.50 -1.44 5.02
CA ASP A 54 0.00 -0.11 4.67
C ASP A 54 -0.59 0.44 5.97
N GLY A 55 -0.75 1.75 6.07
CA GLY A 55 -1.31 2.35 7.28
C GLY A 55 -2.68 1.84 7.70
N GLY A 56 -3.52 1.51 6.72
CA GLY A 56 -4.85 1.00 7.02
C GLY A 56 -4.77 -0.33 7.75
N TYR A 57 -3.82 -1.16 7.36
CA TYR A 57 -3.63 -2.47 7.99
C TYR A 57 -2.93 -2.30 9.34
N ILE A 58 -2.09 -1.28 9.44
CA ILE A 58 -1.40 -1.02 10.71
C ILE A 58 -2.48 -0.74 11.76
N TYR A 59 -3.53 -0.03 11.35
CA TYR A 59 -4.64 0.27 12.25
C TYR A 59 -5.23 -1.06 12.75
N THR A 60 -5.52 -1.96 11.82
CA THR A 60 -6.08 -3.28 12.16
C THR A 60 -5.15 -4.04 13.10
N ALA A 61 -3.88 -4.10 12.73
CA ALA A 61 -2.87 -4.81 13.51
C ALA A 61 -2.68 -4.19 14.90
N GLY A 62 -2.69 -2.87 14.95
CA GLY A 62 -2.50 -2.17 16.21
C GLY A 62 -3.63 -2.41 17.18
N LYS A 63 -4.85 -2.44 16.67
CA LYS A 63 -6.03 -2.70 17.51
C LYS A 63 -5.89 -4.07 18.16
N CYS A 64 -5.15 -4.96 17.50
CA CYS A 64 -4.95 -6.31 17.99
C CYS A 64 -3.69 -6.48 18.82
N GLY A 65 -3.01 -5.37 19.11
CA GLY A 65 -1.82 -5.45 19.93
C GLY A 65 -0.48 -5.42 19.22
N LEU A 66 -0.45 -5.50 17.90
CA LEU A 66 0.83 -5.47 17.20
C LEU A 66 1.40 -4.05 17.19
N VAL A 67 2.72 -3.93 17.09
CA VAL A 67 3.37 -2.64 17.12
C VAL A 67 4.28 -2.33 15.93
N PRO A 68 4.51 -1.04 15.65
CA PRO A 68 5.35 -0.58 14.54
C PRO A 68 6.80 -0.88 14.91
N VAL A 69 7.61 -1.31 13.95
CA VAL A 69 9.01 -1.64 14.23
C VAL A 69 9.99 -0.74 13.46
N LEU A 70 9.79 -0.64 12.15
CA LEU A 70 10.62 0.19 11.27
C LEU A 70 9.69 0.62 10.14
N ALA A 71 9.93 1.80 9.57
CA ALA A 71 9.08 2.28 8.49
C ALA A 71 9.83 2.39 7.16
N GLU A 72 9.10 2.25 6.05
CA GLU A 72 9.71 2.38 4.73
C GLU A 72 10.11 3.85 4.62
N ASN A 73 11.27 4.10 4.03
CA ASN A 73 11.75 5.46 3.84
C ASN A 73 12.19 5.51 2.38
N ARG A 74 11.56 6.37 1.59
CA ARG A 74 11.93 6.48 0.18
C ARG A 74 12.89 7.63 -0.04
N LYS A 75 13.19 7.93 -1.29
CA LYS A 75 14.11 8.99 -1.58
C LYS A 75 13.56 10.33 -1.19
N SER A 76 14.40 11.12 -0.57
CA SER A 76 13.98 12.44 -0.13
C SER A 76 14.93 13.48 -0.69
N SER A 77 14.69 14.73 -0.37
CA SER A 77 15.51 15.84 -0.83
C SER A 77 15.84 16.75 0.35
N LYS A 78 14.99 16.69 1.38
CA LYS A 78 15.18 17.48 2.59
C LYS A 78 15.76 16.56 3.66
N HIS A 79 16.54 17.13 4.58
CA HIS A 79 17.16 16.34 5.66
C HIS A 79 18.17 15.35 5.07
N SER A 80 18.70 15.68 3.90
CA SER A 80 19.67 14.82 3.22
C SER A 80 20.97 14.57 3.98
N SER A 81 21.10 15.17 5.17
CA SER A 81 22.30 14.98 5.97
C SER A 81 22.28 13.62 6.66
N LEU A 82 21.20 13.34 7.37
CA LEU A 82 21.03 12.08 8.08
C LEU A 82 21.10 10.87 7.17
N ASP A 83 21.49 9.74 7.74
CA ASP A 83 21.56 8.49 7.00
C ASP A 83 20.10 8.04 6.86
N CYS A 84 19.77 7.35 5.78
CA CYS A 84 18.40 6.91 5.55
C CYS A 84 17.74 6.28 6.76
N VAL A 85 18.45 5.38 7.43
CA VAL A 85 17.91 4.68 8.60
C VAL A 85 17.53 5.60 9.75
N LEU A 86 18.15 6.78 9.81
CA LEU A 86 17.89 7.74 10.87
C LEU A 86 17.09 8.93 10.38
N ARG A 87 16.82 8.98 9.08
CA ARG A 87 16.05 10.07 8.51
C ARG A 87 14.56 9.91 8.83
N PRO A 88 13.90 10.99 9.28
CA PRO A 88 12.47 10.93 9.59
C PRO A 88 11.67 10.67 8.31
N THR A 89 10.59 9.90 8.42
CA THR A 89 9.77 9.62 7.24
C THR A 89 8.95 10.85 6.87
N GLU A 90 8.61 10.96 5.58
CA GLU A 90 7.83 12.11 5.10
C GLU A 90 6.38 11.79 4.76
N GLY A 91 6.05 10.50 4.72
CA GLY A 91 4.70 10.11 4.37
C GLY A 91 4.51 10.27 2.87
N TYR A 92 3.44 9.70 2.32
CA TYR A 92 3.20 9.84 0.90
C TYR A 92 1.88 10.53 0.62
N LEU A 93 1.73 11.01 -0.61
CA LEU A 93 0.53 11.73 -1.02
C LEU A 93 -0.54 10.87 -1.65
N ALA A 94 -1.68 10.76 -0.99
CA ALA A 94 -2.80 10.00 -1.52
C ALA A 94 -3.42 10.90 -2.59
N VAL A 95 -3.67 10.36 -3.77
CA VAL A 95 -4.28 11.14 -4.83
C VAL A 95 -5.37 10.38 -5.58
N ALA A 96 -6.18 11.11 -6.33
CA ALA A 96 -7.23 10.54 -7.16
C ALA A 96 -6.77 10.87 -8.57
N VAL A 97 -6.60 9.85 -9.41
CA VAL A 97 -6.11 10.05 -10.76
C VAL A 97 -7.10 9.66 -11.85
N VAL A 98 -7.16 10.47 -12.90
CA VAL A 98 -8.05 10.20 -14.02
C VAL A 98 -7.33 10.45 -15.33
N LYS A 99 -7.98 10.08 -16.43
CA LYS A 99 -7.39 10.30 -17.74
C LYS A 99 -7.70 11.74 -18.12
N LYS A 100 -6.71 12.44 -18.68
CA LYS A 100 -6.91 13.82 -19.10
C LYS A 100 -8.04 13.88 -20.13
N ALA A 101 -8.09 12.86 -20.99
CA ALA A 101 -9.10 12.79 -22.04
C ALA A 101 -10.51 12.67 -21.46
N ASN A 102 -10.61 12.22 -20.21
CA ASN A 102 -11.90 12.08 -19.56
C ASN A 102 -12.25 13.48 -19.05
N GLU A 103 -12.43 14.39 -19.99
CA GLU A 103 -12.73 15.78 -19.68
C GLU A 103 -14.01 16.01 -18.89
N GLY A 104 -13.96 16.98 -17.97
CA GLY A 104 -15.13 17.27 -17.18
C GLY A 104 -15.27 16.46 -15.91
N LEU A 105 -14.52 15.36 -15.80
CA LEU A 105 -14.60 14.55 -14.59
C LEU A 105 -13.79 15.22 -13.49
N THR A 106 -14.46 15.55 -12.40
CA THR A 106 -13.79 16.18 -11.28
C THR A 106 -14.21 15.45 -10.02
N TRP A 107 -13.66 15.88 -8.89
CA TRP A 107 -14.01 15.28 -7.61
C TRP A 107 -15.50 15.35 -7.39
N ASN A 108 -16.12 16.43 -7.87
CA ASN A 108 -17.55 16.65 -7.69
C ASN A 108 -18.48 15.92 -8.66
N SER A 109 -17.92 15.17 -9.60
CA SER A 109 -18.76 14.42 -10.53
C SER A 109 -18.37 12.94 -10.54
N LEU A 110 -17.83 12.47 -9.41
CA LEU A 110 -17.41 11.07 -9.28
C LEU A 110 -18.56 10.08 -9.11
N LYS A 111 -19.68 10.53 -8.55
CA LYS A 111 -20.82 9.65 -8.35
C LYS A 111 -21.23 8.91 -9.62
N ASP A 112 -21.54 7.63 -9.47
CA ASP A 112 -21.96 6.75 -10.57
C ASP A 112 -20.86 6.44 -11.58
N LYS A 113 -19.63 6.85 -11.28
CA LYS A 113 -18.51 6.57 -12.18
C LYS A 113 -17.86 5.24 -11.78
N LYS A 114 -16.85 4.82 -12.54
CA LYS A 114 -16.15 3.55 -12.27
C LYS A 114 -14.82 3.83 -11.55
N SER A 115 -14.59 3.12 -10.44
CA SER A 115 -13.39 3.34 -9.65
C SER A 115 -12.44 2.18 -9.44
N CYS A 116 -11.16 2.51 -9.26
CA CYS A 116 -10.13 1.53 -9.03
C CYS A 116 -9.47 1.85 -7.70
N HIS A 117 -9.43 0.85 -6.81
CA HIS A 117 -8.85 1.00 -5.48
C HIS A 117 -7.77 -0.03 -5.30
N THR A 118 -6.76 0.31 -4.50
CA THR A 118 -5.65 -0.60 -4.23
C THR A 118 -6.22 -1.86 -3.57
N ALA A 119 -7.05 -1.65 -2.54
CA ALA A 119 -7.71 -2.73 -1.81
C ALA A 119 -8.52 -2.12 -0.68
N VAL A 120 -9.57 -2.82 -0.25
CA VAL A 120 -10.37 -2.34 0.86
C VAL A 120 -9.46 -2.24 2.08
N ASP A 121 -9.70 -1.22 2.92
CA ASP A 121 -8.93 -1.00 4.15
C ASP A 121 -7.57 -0.34 4.01
N ARG A 122 -7.09 -0.11 2.79
CA ARG A 122 -5.79 0.54 2.62
C ARG A 122 -5.95 2.07 2.64
N THR A 123 -4.89 2.77 3.01
CA THR A 123 -4.91 4.22 3.13
C THR A 123 -5.33 5.07 1.91
N ALA A 124 -4.50 5.10 0.88
CA ALA A 124 -4.79 5.88 -0.31
C ALA A 124 -5.90 5.28 -1.17
N GLY A 125 -5.92 3.95 -1.24
CA GLY A 125 -6.91 3.30 -2.08
C GLY A 125 -8.31 3.20 -1.51
N TRP A 126 -8.45 3.34 -0.20
CA TRP A 126 -9.76 3.18 0.41
C TRP A 126 -10.16 4.11 1.56
N ASN A 127 -9.44 4.02 2.67
CA ASN A 127 -9.77 4.84 3.84
C ASN A 127 -9.91 6.34 3.59
N ILE A 128 -8.95 6.93 2.89
CA ILE A 128 -9.00 8.36 2.62
C ILE A 128 -10.14 8.74 1.65
N PRO A 129 -10.17 8.15 0.46
CA PRO A 129 -11.24 8.50 -0.48
C PRO A 129 -12.66 8.19 0.01
N MET A 130 -12.87 6.98 0.53
CA MET A 130 -14.20 6.62 1.01
C MET A 130 -14.59 7.39 2.27
N GLY A 131 -13.61 7.73 3.10
CA GLY A 131 -13.90 8.49 4.30
C GLY A 131 -14.38 9.87 3.89
N LEU A 132 -13.72 10.44 2.89
CA LEU A 132 -14.08 11.76 2.39
C LEU A 132 -15.46 11.72 1.73
N ILE A 133 -15.68 10.71 0.88
CA ILE A 133 -16.96 10.57 0.20
C ILE A 133 -18.13 10.35 1.16
N VAL A 134 -17.96 9.45 2.13
CA VAL A 134 -19.00 9.16 3.11
C VAL A 134 -19.40 10.45 3.78
N ASN A 135 -18.38 11.18 4.23
CA ASN A 135 -18.48 12.48 4.87
C ASN A 135 -19.21 13.52 4.07
N GLN A 136 -18.91 13.65 2.78
CA GLN A 136 -19.49 14.63 1.92
C GLN A 136 -20.89 14.28 1.49
N THR A 137 -21.20 12.99 1.47
CA THR A 137 -22.53 12.57 1.06
C THR A 137 -23.44 12.30 2.26
N GLY A 138 -22.85 12.30 3.46
CA GLY A 138 -23.63 12.05 4.66
C GLY A 138 -24.34 10.71 4.61
N SER A 139 -23.73 9.76 3.91
CA SER A 139 -24.29 8.42 3.75
C SER A 139 -23.22 7.33 3.91
N CYS A 140 -23.57 6.25 4.59
CA CYS A 140 -22.65 5.15 4.79
C CYS A 140 -22.73 4.15 3.65
N ALA A 141 -23.56 4.45 2.66
CA ALA A 141 -23.72 3.57 1.51
C ALA A 141 -22.60 3.77 0.49
N PHE A 142 -21.36 3.59 0.94
CA PHE A 142 -20.20 3.75 0.07
C PHE A 142 -20.12 2.63 -0.98
N ASP A 143 -21.00 1.65 -0.86
CA ASP A 143 -21.04 0.53 -1.80
C ASP A 143 -21.97 0.86 -2.95
N GLU A 144 -22.60 2.03 -2.87
CA GLU A 144 -23.53 2.46 -3.90
C GLU A 144 -23.15 3.80 -4.51
N PHE A 145 -21.94 4.28 -4.21
CA PHE A 145 -21.51 5.57 -4.75
C PHE A 145 -21.02 5.42 -6.19
N PHE A 146 -20.12 4.47 -6.43
CA PHE A 146 -19.60 4.25 -7.77
C PHE A 146 -20.45 3.17 -8.44
N SER A 147 -20.67 3.29 -9.74
CA SER A 147 -21.47 2.31 -10.47
C SER A 147 -20.82 0.92 -10.41
N GLN A 148 -19.52 0.87 -10.67
CA GLN A 148 -18.75 -0.37 -10.62
C GLN A 148 -17.36 -0.01 -10.10
N SER A 149 -16.67 -1.00 -9.54
CA SER A 149 -15.34 -0.77 -9.02
C SER A 149 -14.56 -2.08 -8.91
N CYS A 150 -13.26 -1.93 -8.65
CA CYS A 150 -12.42 -3.07 -8.36
C CYS A 150 -11.81 -2.61 -7.05
N ALA A 151 -12.30 -3.21 -5.97
CA ALA A 151 -11.83 -2.90 -4.63
C ALA A 151 -11.47 -4.25 -4.02
N PRO A 152 -10.26 -4.75 -4.31
CA PRO A 152 -9.84 -6.04 -3.76
C PRO A 152 -10.16 -6.17 -2.28
N GLY A 153 -10.83 -7.27 -1.92
CA GLY A 153 -11.19 -7.50 -0.54
C GLY A 153 -12.68 -7.42 -0.28
N ALA A 154 -13.44 -6.86 -1.22
CA ALA A 154 -14.89 -6.75 -1.05
C ALA A 154 -15.58 -8.01 -1.53
N ASP A 155 -16.90 -8.07 -1.40
CA ASP A 155 -17.66 -9.21 -1.84
C ASP A 155 -17.50 -9.37 -3.35
N PRO A 156 -16.93 -10.50 -3.80
CA PRO A 156 -16.69 -10.81 -5.21
C PRO A 156 -17.91 -10.65 -6.12
N LYS A 157 -19.11 -10.86 -5.59
CA LYS A 157 -20.30 -10.72 -6.43
C LYS A 157 -20.88 -9.32 -6.43
N SER A 158 -20.36 -8.46 -5.55
CA SER A 158 -20.84 -7.09 -5.44
C SER A 158 -20.28 -6.18 -6.52
N ARG A 159 -20.87 -5.01 -6.66
CA ARG A 159 -20.42 -4.06 -7.67
C ARG A 159 -19.03 -3.53 -7.32
N LEU A 160 -18.64 -3.62 -6.05
CA LEU A 160 -17.32 -3.15 -5.63
C LEU A 160 -16.19 -4.01 -6.20
N CYS A 161 -16.56 -5.17 -6.74
CA CYS A 161 -15.59 -6.11 -7.33
C CYS A 161 -15.85 -6.32 -8.82
N ALA A 162 -16.91 -5.73 -9.35
CA ALA A 162 -17.26 -5.91 -10.75
C ALA A 162 -16.14 -5.67 -11.75
N LEU A 163 -15.23 -4.74 -11.46
CA LEU A 163 -14.15 -4.43 -12.38
C LEU A 163 -12.87 -5.22 -12.22
N CYS A 164 -12.72 -5.95 -11.11
CA CYS A 164 -11.50 -6.72 -10.90
C CYS A 164 -11.39 -7.84 -11.93
N ALA A 165 -10.17 -8.22 -12.29
CA ALA A 165 -9.97 -9.24 -13.31
C ALA A 165 -9.45 -10.61 -12.87
N GLY A 166 -8.98 -10.74 -11.64
CA GLY A 166 -8.47 -12.03 -11.21
C GLY A 166 -7.11 -12.29 -11.84
N ASP A 167 -6.62 -13.52 -11.74
CA ASP A 167 -5.31 -13.88 -12.28
C ASP A 167 -5.31 -14.22 -13.76
N ASP A 168 -4.17 -14.69 -14.27
CA ASP A 168 -4.03 -15.02 -15.68
C ASP A 168 -5.03 -16.07 -16.17
N GLN A 169 -5.69 -16.74 -15.22
CA GLN A 169 -6.69 -17.75 -15.56
C GLN A 169 -8.10 -17.22 -15.34
N GLY A 170 -8.19 -16.01 -14.79
CA GLY A 170 -9.49 -15.44 -14.53
C GLY A 170 -9.99 -15.88 -13.16
N LEU A 171 -9.11 -16.52 -12.40
CA LEU A 171 -9.46 -16.99 -11.06
C LEU A 171 -9.01 -15.96 -10.03
N ASP A 172 -9.48 -16.13 -8.79
CA ASP A 172 -9.13 -15.22 -7.69
C ASP A 172 -9.59 -13.79 -7.94
N LYS A 173 -10.68 -13.62 -8.68
CA LYS A 173 -11.20 -12.30 -8.97
C LYS A 173 -11.42 -11.55 -7.64
N CYS A 174 -10.86 -10.35 -7.55
CA CYS A 174 -11.02 -9.49 -6.37
C CYS A 174 -10.27 -9.90 -5.09
N VAL A 175 -9.43 -10.93 -5.17
CA VAL A 175 -8.70 -11.33 -3.97
C VAL A 175 -7.75 -10.19 -3.64
N PRO A 176 -7.56 -9.88 -2.34
CA PRO A 176 -6.65 -8.80 -2.00
C PRO A 176 -5.16 -9.17 -1.93
N ASN A 177 -4.60 -9.65 -3.03
CA ASN A 177 -3.17 -9.98 -3.10
C ASN A 177 -2.75 -9.84 -4.56
N SER A 178 -1.45 -9.81 -4.81
CA SER A 178 -0.94 -9.61 -6.17
C SER A 178 -1.44 -10.52 -7.29
N LYS A 179 -2.23 -11.53 -6.96
CA LYS A 179 -2.74 -12.41 -8.02
C LYS A 179 -3.80 -11.69 -8.82
N GLU A 180 -4.50 -10.78 -8.16
CA GLU A 180 -5.52 -9.96 -8.81
C GLU A 180 -4.80 -8.92 -9.65
N LYS A 181 -5.10 -8.94 -10.94
CA LYS A 181 -4.52 -8.02 -11.92
C LYS A 181 -4.55 -6.56 -11.48
N TYR A 182 -5.66 -6.13 -10.89
CA TYR A 182 -5.77 -4.73 -10.47
C TYR A 182 -5.58 -4.47 -8.97
N TYR A 183 -4.80 -5.33 -8.32
CA TYR A 183 -4.53 -5.19 -6.89
C TYR A 183 -3.39 -4.23 -6.59
N GLY A 184 -3.51 -3.50 -5.48
CA GLY A 184 -2.44 -2.58 -5.07
C GLY A 184 -2.27 -1.31 -5.87
N TYR A 185 -1.22 -0.56 -5.54
CA TYR A 185 -0.95 0.70 -6.22
C TYR A 185 -0.84 0.51 -7.73
N THR A 186 -0.04 -0.47 -8.15
CA THR A 186 0.18 -0.73 -9.56
C THR A 186 -1.04 -1.29 -10.27
N GLY A 187 -1.77 -2.17 -9.61
CA GLY A 187 -2.97 -2.75 -10.20
C GLY A 187 -4.08 -1.72 -10.36
N ALA A 188 -4.26 -0.89 -9.34
CA ALA A 188 -5.28 0.15 -9.39
C ALA A 188 -4.95 1.13 -10.51
N PHE A 189 -3.68 1.51 -10.61
CA PHE A 189 -3.28 2.44 -11.67
C PHE A 189 -3.44 1.81 -13.05
N ARG A 190 -3.21 0.51 -13.15
CA ARG A 190 -3.35 -0.20 -14.43
C ARG A 190 -4.83 -0.23 -14.82
N CYS A 191 -5.67 -0.38 -13.79
CA CYS A 191 -7.12 -0.40 -13.97
C CYS A 191 -7.55 0.91 -14.61
N LEU A 192 -6.90 2.00 -14.23
CA LEU A 192 -7.21 3.31 -14.81
C LEU A 192 -6.59 3.39 -16.21
N ALA A 193 -5.32 3.01 -16.32
CA ALA A 193 -4.61 3.07 -17.59
C ALA A 193 -5.33 2.34 -18.71
N GLU A 194 -5.83 1.14 -18.43
CA GLU A 194 -6.54 0.37 -19.44
C GLU A 194 -7.98 0.86 -19.58
N ASP A 195 -8.29 1.96 -18.93
CA ASP A 195 -9.63 2.55 -18.97
C ASP A 195 -10.74 1.62 -18.49
N VAL A 196 -10.40 0.74 -17.56
CA VAL A 196 -11.42 -0.16 -17.00
C VAL A 196 -12.19 0.70 -16.00
N GLY A 197 -11.47 1.64 -15.39
CA GLY A 197 -12.09 2.54 -14.44
C GLY A 197 -11.88 3.98 -14.87
N ASP A 198 -12.70 4.88 -14.32
CA ASP A 198 -12.60 6.31 -14.62
C ASP A 198 -11.65 7.03 -13.67
N VAL A 199 -11.47 6.46 -12.48
CA VAL A 199 -10.61 7.07 -11.48
C VAL A 199 -9.87 6.01 -10.69
N ALA A 200 -8.64 6.33 -10.27
CA ALA A 200 -7.84 5.41 -9.49
C ALA A 200 -7.38 6.13 -8.23
N PHE A 201 -7.52 5.46 -7.09
CA PHE A 201 -7.11 6.04 -5.83
C PHE A 201 -5.80 5.35 -5.44
N VAL A 202 -4.71 6.07 -5.66
CA VAL A 202 -3.39 5.53 -5.36
C VAL A 202 -2.59 6.66 -4.73
N LYS A 203 -1.27 6.56 -4.84
CA LYS A 203 -0.43 7.61 -4.28
C LYS A 203 0.27 8.29 -5.42
N ASN A 204 0.83 9.45 -5.17
CA ASN A 204 1.53 10.23 -6.16
C ASN A 204 2.63 9.47 -6.85
N ASP A 205 3.41 8.76 -6.08
CA ASP A 205 4.58 8.06 -6.63
C ASP A 205 4.21 7.02 -7.70
N THR A 206 3.05 6.41 -7.53
CA THR A 206 2.58 5.39 -8.47
C THR A 206 2.49 5.92 -9.90
N VAL A 207 1.93 7.10 -10.05
CA VAL A 207 1.79 7.70 -11.37
C VAL A 207 3.15 7.91 -12.04
N TRP A 208 4.08 8.53 -11.34
CA TRP A 208 5.42 8.77 -11.88
C TRP A 208 6.17 7.48 -12.21
N GLU A 209 6.15 6.54 -11.29
CA GLU A 209 6.85 5.28 -11.46
C GLU A 209 6.34 4.36 -12.56
N ASN A 210 5.16 4.65 -13.11
CA ASN A 210 4.62 3.80 -14.16
C ASN A 210 4.29 4.55 -15.45
N THR A 211 4.96 5.68 -15.65
CA THR A 211 4.76 6.49 -16.85
C THR A 211 6.10 6.95 -17.42
N ASN A 212 6.07 7.43 -18.66
CA ASN A 212 7.26 7.93 -19.33
C ASN A 212 8.46 6.99 -19.30
N GLY A 213 8.21 5.70 -19.50
CA GLY A 213 9.29 4.73 -19.51
C GLY A 213 9.82 4.26 -18.18
N GLU A 214 9.32 4.81 -17.08
CA GLU A 214 9.80 4.39 -15.76
C GLU A 214 9.48 2.92 -15.52
N SER A 215 8.50 2.41 -16.26
CA SER A 215 8.11 1.01 -16.15
C SER A 215 8.19 0.38 -17.54
N THR A 216 8.79 -0.79 -17.63
CA THR A 216 8.93 -1.48 -18.90
C THR A 216 7.82 -2.50 -19.11
N ALA A 217 6.94 -2.62 -18.13
CA ALA A 217 5.82 -3.57 -18.21
C ALA A 217 4.98 -3.27 -19.46
N ASP A 218 4.42 -4.32 -20.06
CA ASP A 218 3.61 -4.17 -21.26
C ASP A 218 2.49 -3.13 -21.21
N TRP A 219 1.75 -3.09 -20.12
CA TRP A 219 0.64 -2.16 -20.00
C TRP A 219 1.07 -0.72 -19.68
N ALA A 220 2.25 -0.56 -19.10
CA ALA A 220 2.72 0.76 -18.72
C ALA A 220 3.81 1.40 -19.58
N LYS A 221 4.61 0.56 -20.25
CA LYS A 221 5.72 1.04 -21.07
C LYS A 221 5.37 2.19 -22.01
N ASN A 222 4.12 2.27 -22.44
CA ASN A 222 3.72 3.32 -23.37
C ASN A 222 2.85 4.42 -22.78
N LEU A 223 2.80 4.52 -21.45
CA LEU A 223 1.99 5.54 -20.78
C LEU A 223 2.74 6.86 -20.59
N LYS A 224 2.05 7.97 -20.83
CA LYS A 224 2.63 9.30 -20.68
C LYS A 224 1.92 10.10 -19.60
N ARG A 225 2.71 10.73 -18.73
CA ARG A 225 2.17 11.52 -17.63
C ARG A 225 1.19 12.60 -18.02
N GLU A 226 1.42 13.23 -19.16
CA GLU A 226 0.55 14.30 -19.62
C GLU A 226 -0.87 13.83 -19.92
N ASP A 227 -1.05 12.53 -20.06
CA ASP A 227 -2.37 11.99 -20.36
C ASP A 227 -3.18 11.75 -19.10
N PHE A 228 -2.58 12.06 -17.96
CA PHE A 228 -3.24 11.87 -16.67
C PHE A 228 -3.42 13.18 -15.94
N ARG A 229 -4.43 13.24 -15.09
CA ARG A 229 -4.72 14.43 -14.29
C ARG A 229 -5.10 14.03 -12.87
N LEU A 230 -4.79 14.89 -11.91
CA LEU A 230 -5.11 14.64 -10.52
C LEU A 230 -6.37 15.42 -10.19
N LEU A 231 -7.20 14.86 -9.32
CA LEU A 231 -8.44 15.52 -8.92
C LEU A 231 -8.24 16.18 -7.55
N CYS A 232 -8.35 17.50 -7.47
CA CYS A 232 -8.18 18.17 -6.20
C CYS A 232 -9.53 18.27 -5.51
N LEU A 233 -9.52 18.39 -4.19
CA LEU A 233 -10.75 18.48 -3.42
C LEU A 233 -11.61 19.71 -3.68
N ASP A 234 -11.05 20.73 -4.31
CA ASP A 234 -11.81 21.94 -4.61
C ASP A 234 -12.48 21.87 -5.97
N GLY A 235 -12.50 20.68 -6.57
CA GLY A 235 -13.15 20.52 -7.87
C GLY A 235 -12.28 20.78 -9.08
N THR A 236 -11.02 21.17 -8.87
CA THR A 236 -10.13 21.44 -10.00
C THR A 236 -9.35 20.19 -10.41
N ARG A 237 -8.75 20.25 -11.59
CA ARG A 237 -7.95 19.16 -12.15
C ARG A 237 -6.56 19.74 -12.37
N LYS A 238 -5.52 18.99 -12.02
CA LYS A 238 -4.16 19.48 -12.20
C LYS A 238 -3.23 18.42 -12.77
N PRO A 239 -2.12 18.86 -13.37
CA PRO A 239 -1.13 17.95 -13.93
C PRO A 239 -0.56 17.13 -12.78
N VAL A 240 -0.04 15.94 -13.06
CA VAL A 240 0.49 15.09 -12.01
C VAL A 240 1.75 15.65 -11.36
N THR A 241 2.20 16.81 -11.83
CA THR A 241 3.38 17.47 -11.27
C THR A 241 2.99 18.36 -10.10
N GLU A 242 1.69 18.51 -9.86
CA GLU A 242 1.18 19.36 -8.80
C GLU A 242 0.55 18.59 -7.63
N ALA A 243 1.03 17.37 -7.41
CA ALA A 243 0.47 16.56 -6.34
C ALA A 243 0.57 17.28 -4.99
N GLN A 244 1.61 18.09 -4.79
CA GLN A 244 1.80 18.79 -3.53
C GLN A 244 0.66 19.73 -3.19
N SER A 245 -0.07 20.18 -4.20
CA SER A 245 -1.19 21.10 -3.98
C SER A 245 -2.49 20.51 -4.48
N CYS A 246 -2.49 19.21 -4.75
CA CYS A 246 -3.69 18.55 -5.26
C CYS A 246 -3.74 17.07 -4.84
N HIS A 247 -3.80 16.83 -3.54
CA HIS A 247 -3.89 15.47 -3.02
C HIS A 247 -5.05 15.36 -2.05
N LEU A 248 -5.44 14.13 -1.72
CA LEU A 248 -6.55 13.91 -0.82
C LEU A 248 -6.07 13.91 0.62
N ALA A 249 -4.79 13.58 0.82
CA ALA A 249 -4.22 13.57 2.15
C ALA A 249 -2.78 13.10 2.11
N VAL A 250 -2.09 13.27 3.23
CA VAL A 250 -0.72 12.82 3.38
C VAL A 250 -0.87 11.55 4.21
N ALA A 251 -0.35 10.44 3.70
CA ALA A 251 -0.46 9.15 4.38
C ALA A 251 0.81 8.71 5.11
N PRO A 252 0.65 8.03 6.25
CA PRO A 252 1.82 7.57 6.99
C PRO A 252 2.46 6.43 6.20
N ASN A 253 3.78 6.43 6.09
CA ASN A 253 4.48 5.40 5.34
C ASN A 253 4.17 3.97 5.81
N HIS A 254 4.24 3.03 4.88
CA HIS A 254 4.01 1.64 5.21
C HIS A 254 5.11 1.30 6.21
N ALA A 255 4.83 0.37 7.11
CA ALA A 255 5.82 0.02 8.11
C ALA A 255 5.75 -1.45 8.51
N VAL A 256 6.85 -1.95 9.06
CA VAL A 256 6.92 -3.33 9.53
C VAL A 256 6.28 -3.39 10.91
N VAL A 257 5.45 -4.41 11.14
CA VAL A 257 4.82 -4.57 12.43
C VAL A 257 5.10 -5.97 12.93
N SER A 258 5.10 -6.14 14.24
CA SER A 258 5.34 -7.44 14.84
C SER A 258 4.69 -7.46 16.21
N ARG A 259 4.73 -8.62 16.85
CA ARG A 259 4.18 -8.69 18.18
C ARG A 259 5.17 -7.93 19.04
N SER A 260 4.65 -7.27 20.07
CA SER A 260 5.48 -6.50 20.97
C SER A 260 6.68 -7.27 21.50
N ASP A 261 6.48 -8.54 21.85
CA ASP A 261 7.55 -9.35 22.40
C ASP A 261 8.63 -9.76 21.41
N ARG A 262 8.40 -9.53 20.12
CA ARG A 262 9.37 -9.88 19.09
C ARG A 262 9.94 -8.63 18.41
N ALA A 263 9.37 -7.47 18.73
CA ALA A 263 9.80 -6.20 18.13
C ALA A 263 11.30 -6.00 18.09
N ALA A 264 11.95 -6.10 19.24
CA ALA A 264 13.38 -5.91 19.34
C ALA A 264 14.16 -6.84 18.39
N HIS A 265 13.88 -8.14 18.46
CA HIS A 265 14.57 -9.10 17.60
C HIS A 265 14.31 -8.85 16.12
N VAL A 266 13.07 -8.58 15.77
CA VAL A 266 12.72 -8.32 14.38
C VAL A 266 13.48 -7.11 13.86
N GLU A 267 13.53 -6.05 14.66
CA GLU A 267 14.22 -4.83 14.28
C GLU A 267 15.70 -5.11 14.01
N GLN A 268 16.35 -5.79 14.95
CA GLN A 268 17.76 -6.13 14.83
C GLN A 268 18.04 -6.89 13.55
N VAL A 269 17.27 -7.94 13.29
CA VAL A 269 17.45 -8.75 12.11
C VAL A 269 17.25 -7.96 10.83
N LEU A 270 16.18 -7.17 10.77
CA LEU A 270 15.92 -6.38 9.56
C LEU A 270 17.02 -5.38 9.27
N LEU A 271 17.50 -4.68 10.30
CA LEU A 271 18.56 -3.70 10.09
C LEU A 271 19.76 -4.38 9.45
N HIS A 272 20.04 -5.61 9.85
CA HIS A 272 21.15 -6.36 9.29
C HIS A 272 20.82 -6.88 7.89
N GLN A 273 19.58 -7.29 7.67
CA GLN A 273 19.18 -7.80 6.36
C GLN A 273 19.28 -6.74 5.27
N GLN A 274 18.90 -5.51 5.57
CA GLN A 274 18.98 -4.47 4.56
C GLN A 274 20.42 -4.02 4.30
N ALA A 275 21.30 -4.25 5.26
CA ALA A 275 22.71 -3.89 5.08
C ALA A 275 23.25 -4.81 3.99
N LEU A 276 22.66 -6.00 3.90
CA LEU A 276 23.07 -6.99 2.91
C LEU A 276 22.28 -6.89 1.59
N PHE A 277 20.97 -6.75 1.68
CA PHE A 277 20.14 -6.71 0.49
C PHE A 277 19.37 -5.43 0.19
N GLY A 278 19.63 -4.38 0.96
CA GLY A 278 18.95 -3.11 0.75
C GLY A 278 19.50 -2.30 -0.41
N LYS A 279 19.05 -1.04 -0.50
CA LYS A 279 19.46 -0.11 -1.56
C LYS A 279 20.92 -0.29 -2.00
N ASN A 280 21.85 -0.01 -1.09
CA ASN A 280 23.28 -0.16 -1.40
C ASN A 280 23.80 -1.41 -0.70
N GLY A 281 22.91 -2.36 -0.48
CA GLY A 281 23.29 -3.59 0.19
C GLY A 281 24.54 -4.25 -0.35
N LYS A 282 25.29 -4.88 0.54
CA LYS A 282 26.53 -5.56 0.16
C LYS A 282 26.31 -6.60 -0.93
N ASN A 283 25.14 -7.22 -0.95
CA ASN A 283 24.85 -8.25 -1.93
C ASN A 283 23.74 -7.97 -2.92
N CYS A 284 23.36 -6.70 -3.04
CA CYS A 284 22.34 -6.27 -3.99
C CYS A 284 23.05 -5.29 -4.92
N PRO A 285 22.84 -5.41 -6.25
CA PRO A 285 21.99 -6.37 -6.98
C PRO A 285 22.63 -7.72 -7.27
N ASP A 286 23.89 -7.89 -6.90
CA ASP A 286 24.59 -9.14 -7.18
C ASP A 286 23.83 -10.41 -6.82
N LYS A 287 23.44 -10.56 -5.56
CA LYS A 287 22.73 -11.76 -5.13
C LYS A 287 21.23 -11.63 -4.92
N PHE A 288 20.80 -10.57 -4.26
CA PHE A 288 19.37 -10.38 -4.00
C PHE A 288 19.07 -8.96 -3.52
N CYS A 289 17.98 -8.39 -4.02
CA CYS A 289 17.58 -7.06 -3.62
C CYS A 289 16.20 -7.13 -2.98
N LEU A 290 16.17 -6.86 -1.69
CA LEU A 290 14.96 -6.90 -0.88
C LEU A 290 13.89 -5.91 -1.33
N PHE A 291 14.32 -4.77 -1.88
CA PHE A 291 13.40 -3.73 -2.30
C PHE A 291 13.13 -3.67 -3.80
N LYS A 292 13.29 -4.80 -4.48
CA LYS A 292 13.02 -4.86 -5.91
C LYS A 292 12.13 -6.05 -6.23
N SER A 293 11.25 -5.89 -7.20
CA SER A 293 10.33 -6.95 -7.63
C SER A 293 9.63 -6.50 -8.90
N GLU A 294 10.40 -5.85 -9.77
CA GLU A 294 9.88 -5.32 -11.04
C GLU A 294 8.53 -4.64 -10.90
N THR A 295 8.53 -3.51 -10.20
CA THR A 295 7.36 -2.67 -9.98
C THR A 295 6.14 -3.33 -9.32
N LYS A 296 6.27 -4.59 -8.93
CA LYS A 296 5.14 -5.29 -8.31
C LYS A 296 5.00 -5.01 -6.81
N ASN A 297 5.95 -4.28 -6.23
CA ASN A 297 5.91 -3.93 -4.81
C ASN A 297 5.62 -5.13 -3.91
N LEU A 298 6.42 -6.19 -4.06
CA LEU A 298 6.25 -7.39 -3.25
C LEU A 298 7.04 -7.31 -1.95
N LEU A 299 6.34 -7.50 -0.83
CA LEU A 299 6.90 -7.44 0.52
C LEU A 299 7.18 -6.00 0.94
N PHE A 300 7.75 -5.23 0.04
CA PHE A 300 8.05 -3.82 0.31
C PHE A 300 7.78 -3.05 -0.98
N ASN A 301 7.57 -1.75 -0.86
CA ASN A 301 7.37 -0.95 -2.06
C ASN A 301 8.73 -0.88 -2.72
N ASP A 302 8.76 -0.99 -4.06
CA ASP A 302 10.02 -0.96 -4.80
C ASP A 302 10.77 0.37 -4.70
N ASN A 303 10.09 1.44 -4.28
CA ASN A 303 10.78 2.73 -4.16
C ASN A 303 11.37 2.94 -2.76
N THR A 304 11.44 1.86 -1.99
CA THR A 304 11.97 1.95 -0.63
C THR A 304 13.49 2.10 -0.66
N GLU A 305 14.01 3.11 0.03
CA GLU A 305 15.45 3.32 0.08
C GLU A 305 16.01 2.48 1.22
N CYS A 306 15.27 2.45 2.33
CA CYS A 306 15.67 1.69 3.51
C CYS A 306 14.50 1.67 4.50
N LEU A 307 14.62 0.81 5.50
CA LEU A 307 13.63 0.73 6.58
C LEU A 307 14.28 1.58 7.66
N ALA A 308 13.56 2.59 8.14
CA ALA A 308 14.10 3.50 9.13
C ALA A 308 13.56 3.34 10.55
N LYS A 309 14.43 3.64 11.52
CA LYS A 309 14.06 3.57 12.92
C LYS A 309 12.98 4.59 13.20
N LEU A 310 12.11 4.28 14.15
CA LEU A 310 11.02 5.19 14.51
C LEU A 310 11.41 5.99 15.75
N GLY A 311 11.34 7.31 15.64
CA GLY A 311 11.68 8.15 16.77
C GLY A 311 10.54 8.20 17.77
N GLY A 312 10.87 8.09 19.06
CA GLY A 312 9.87 8.14 20.12
C GLY A 312 9.13 6.85 20.46
N ARG A 313 9.60 5.73 19.92
CA ARG A 313 9.00 4.45 20.12
C ARG A 313 7.49 4.53 20.08
N PRO A 314 6.95 5.05 19.00
CA PRO A 314 5.51 5.28 18.88
C PRO A 314 4.58 4.09 18.95
N THR A 315 3.41 4.31 19.54
CA THR A 315 2.38 3.30 19.61
C THR A 315 1.84 3.32 18.19
N TYR A 316 0.99 2.37 17.83
CA TYR A 316 0.47 2.37 16.47
C TYR A 316 -0.33 3.65 16.22
N GLU A 317 -0.96 4.18 17.27
CA GLU A 317 -1.76 5.40 17.16
C GLU A 317 -0.89 6.62 16.91
N GLU A 318 0.26 6.67 17.57
CA GLU A 318 1.18 7.78 17.40
C GLU A 318 1.82 7.70 16.02
N TYR A 319 2.11 6.49 15.56
CA TYR A 319 2.73 6.33 14.26
C TYR A 319 1.78 6.81 13.15
N LEU A 320 0.53 6.38 13.21
CA LEU A 320 -0.45 6.77 12.20
C LEU A 320 -0.89 8.23 12.32
N GLY A 321 -0.87 8.76 13.54
CA GLY A 321 -1.29 10.13 13.75
C GLY A 321 -2.75 10.15 14.18
N THR A 322 -3.08 10.96 15.18
CA THR A 322 -4.43 11.04 15.71
C THR A 322 -5.50 11.35 14.66
N GLU A 323 -5.21 12.26 13.74
CA GLU A 323 -6.17 12.60 12.70
C GLU A 323 -6.53 11.39 11.83
N TYR A 324 -5.52 10.72 11.30
CA TYR A 324 -5.79 9.56 10.46
C TYR A 324 -6.55 8.48 11.23
N VAL A 325 -6.11 8.20 12.45
CA VAL A 325 -6.76 7.19 13.28
C VAL A 325 -8.23 7.52 13.48
N THR A 326 -8.52 8.79 13.70
CA THR A 326 -9.89 9.21 13.88
C THR A 326 -10.69 9.08 12.59
N ALA A 327 -10.03 9.37 11.47
CA ALA A 327 -10.68 9.28 10.17
C ALA A 327 -11.13 7.83 9.94
N ILE A 328 -10.24 6.89 10.24
CA ILE A 328 -10.54 5.47 10.07
C ILE A 328 -11.66 5.07 11.02
N ALA A 329 -11.52 5.44 12.28
CA ALA A 329 -12.54 5.13 13.29
C ALA A 329 -13.92 5.51 12.75
N ASN A 330 -14.04 6.77 12.31
CA ASN A 330 -15.30 7.28 11.76
C ASN A 330 -15.82 6.50 10.57
N LEU A 331 -14.93 6.15 9.64
CA LEU A 331 -15.34 5.40 8.45
C LEU A 331 -15.85 4.02 8.82
N LYS A 332 -15.12 3.33 9.69
CA LYS A 332 -15.49 1.98 10.11
C LYS A 332 -16.84 1.93 10.83
N LYS A 333 -17.29 3.07 11.34
CA LYS A 333 -18.59 3.12 12.02
C LYS A 333 -19.68 2.85 11.00
N CYS A 334 -19.30 2.86 9.72
CA CYS A 334 -20.21 2.63 8.62
C CYS A 334 -20.50 1.16 8.36
N SER A 335 -19.55 0.30 8.67
CA SER A 335 -19.74 -1.14 8.46
C SER A 335 -19.35 -1.93 9.69
N LEU A 340 -15.18 -1.19 18.37
CA LEU A 340 -14.93 0.25 18.40
C LEU A 340 -13.59 0.53 19.06
N GLU A 341 -13.16 -0.40 19.92
CA GLU A 341 -11.87 -0.28 20.59
C GLU A 341 -11.38 -1.67 21.01
N ALA A 342 -11.57 -2.64 20.10
CA ALA A 342 -11.15 -4.03 20.31
C ALA A 342 -10.60 -4.64 19.02
N CYS A 343 -9.99 -5.81 19.13
CA CYS A 343 -9.40 -6.48 17.97
C CYS A 343 -10.46 -7.16 17.09
N ALA A 344 -10.43 -6.83 15.81
CA ALA A 344 -11.36 -7.37 14.82
C ALA A 344 -11.17 -8.85 14.51
N PHE A 345 -10.59 -9.59 15.44
CA PHE A 345 -10.37 -11.03 15.26
C PHE A 345 -10.71 -11.79 16.54
C1 NAG B . -14.94 12.79 8.47
C2 NAG B . -13.44 13.04 8.61
C3 NAG B . -12.99 12.87 10.05
C4 NAG B . -13.90 13.65 11.00
C5 NAG B . -15.37 13.35 10.70
C6 NAG B . -16.29 14.18 11.59
C7 NAG B . -11.82 12.56 6.86
C8 NAG B . -11.09 11.51 6.08
N2 NAG B . -12.71 12.12 7.76
O3 NAG B . -11.66 13.35 10.19
O4 NAG B . -13.62 13.27 12.34
O5 NAG B . -15.64 13.65 9.34
O6 NAG B . -15.89 15.54 11.55
O7 NAG B . -11.59 13.75 6.68
C1 NAG B . -13.22 14.49 13.00
C2 NAG B . -13.39 14.24 14.49
C3 NAG B . -12.94 15.43 15.30
C4 NAG B . -11.53 15.80 14.96
C5 NAG B . -11.41 15.93 13.45
C6 NAG B . -9.98 16.19 13.02
C7 NAG B . -15.09 12.88 15.40
C8 NAG B . -16.54 12.64 15.62
N2 NAG B . -14.74 14.00 14.83
O3 NAG B . -12.96 15.08 16.64
O4 NAG B . -11.32 17.03 15.59
O5 NAG B . -11.88 14.80 12.80
O6 NAG B . -9.18 15.07 13.10
O7 NAG B . -14.29 12.07 15.77
C1 BMA B . -10.41 17.29 16.64
C2 BMA B . -10.92 16.81 17.96
C3 BMA B . -10.22 17.53 19.07
C4 BMA B . -8.71 17.59 18.80
C5 BMA B . -8.42 18.13 17.44
C6 BMA B . -6.92 18.23 17.24
O2 BMA B . -10.64 15.44 17.99
O3 BMA B . -10.50 16.85 20.25
O4 BMA B . -8.14 18.52 19.65
O5 BMA B . -9.02 17.30 16.49
O6 BMA B . -6.70 19.13 16.19
C1 NAG C . 5.87 12.22 -6.20
C2 NAG C . 6.86 13.30 -5.79
C3 NAG C . 8.03 13.37 -6.76
C4 NAG C . 8.58 11.98 -7.04
C5 NAG C . 7.47 11.00 -7.38
C6 NAG C . 8.01 9.59 -7.58
C7 NAG C . 5.69 15.04 -4.57
C8 NAG C . 4.86 16.28 -4.66
N2 NAG C . 6.20 14.58 -5.71
O3 NAG C . 9.05 14.18 -6.23
O4 NAG C . 9.48 12.04 -8.14
O5 NAG C . 6.53 10.99 -6.32
O6 NAG C . 8.51 9.10 -6.36
O7 NAG C . 5.88 14.49 -3.48
C1 NAG C . 10.80 11.75 -7.67
C2 NAG C . 11.71 11.43 -8.85
C3 NAG C . 13.18 11.23 -8.49
C4 NAG C . 13.69 12.24 -7.49
C5 NAG C . 12.62 12.49 -6.46
C6 NAG C . 13.12 13.62 -5.59
C7 NAG C . 10.77 10.36 -10.76
C8 NAG C . 10.62 9.09 -11.52
N2 NAG C . 11.24 10.28 -9.54
O3 NAG C . 13.98 11.38 -9.63
O4 NAG C . 14.74 11.71 -6.75
O5 NAG C . 11.36 12.79 -6.97
O6 NAG C . 12.19 13.81 -4.56
O7 NAG C . 10.47 11.40 -11.28
C1 NAG D . 22.67 -14.60 9.96
C2 NAG D . 23.74 -13.80 9.23
C3 NAG D . 25.08 -13.88 9.98
C4 NAG D . 24.89 -13.61 11.46
C5 NAG D . 23.74 -14.42 12.03
C6 NAG D . 23.49 -14.09 13.50
C7 NAG D . 23.18 -13.81 6.88
C8 NAG D . 23.67 -14.09 5.49
N2 NAG D . 23.90 -14.29 7.88
O3 NAG D . 25.98 -12.94 9.43
O4 NAG D . 26.08 -13.94 12.15
O5 NAG D . 22.57 -14.15 11.29
O6 NAG D . 24.40 -13.08 13.91
O7 NAG D . 22.14 -13.17 7.05
ZN ZN E . 4.81 7.75 22.58
ZN ZN F . -2.03 18.40 2.35
FE FE G . -0.52 2.66 1.30
C CO3 H . -2.61 2.35 -0.08
O1 CO3 H . -1.88 1.28 0.05
O2 CO3 H . -2.23 3.47 0.46
O3 CO3 H . -3.74 2.29 -0.73
S SO4 I . -7.54 19.51 -18.15
O1 SO4 I . -6.17 19.28 -18.64
O2 SO4 I . -8.03 20.81 -18.67
O3 SO4 I . -8.41 18.42 -18.61
O4 SO4 I . -7.53 19.55 -16.67
O48 LP5 J . -0.88 11.01 16.90
P45 LP5 J . 0.14 12.11 16.71
O46 LP5 J . 0.12 12.73 15.33
O47 LP5 J . 0.14 13.15 17.82
O1 LP5 J . 1.61 11.39 16.85
C1 LP5 J . 2.83 12.16 16.96
C2 LP5 J . 3.94 11.68 15.98
N2 LP5 J . 3.22 11.77 14.69
C7 LP5 J . 3.26 11.06 13.54
C8 LP5 J . 2.32 11.58 12.46
C16 LP5 J . 2.40 10.74 11.17
O44 LP5 J . 3.78 10.71 10.71
C17 LP5 J . 1.49 11.38 10.12
C18 LP5 J . 2.03 11.28 8.69
C19 LP5 J . 2.53 12.64 8.20
C20 LP5 J . 1.36 13.50 7.75
C21 LP5 J . 1.38 14.86 8.43
C22 LP5 J . 0.84 15.95 7.50
C23 LP5 J . -0.69 16.13 7.48
C24 LP5 J . -1.32 16.52 6.14
C25 LP5 J . -2.84 16.46 6.17
C26 LP5 J . -3.37 15.16 5.54
C27 LP5 J . -4.88 15.14 5.56
O7 LP5 J . 3.98 10.09 13.32
C3 LP5 J . 4.38 10.26 16.56
C4 LP5 J . 5.12 10.57 17.88
C5 LP5 J . 4.03 11.01 18.87
O5 LP5 J . 3.27 12.15 18.37
C6 LP5 J . 4.65 11.36 20.24
O6 LP5 J . 3.91 12.43 20.87
O4 LP5 J . 5.83 9.42 18.39
O3 LP5 J . 5.18 9.40 15.68
C28 LP5 J . 6.48 9.74 15.08
O42 LP5 J . 6.90 10.90 15.06
C29 LP5 J . 7.26 8.56 14.50
C30 LP5 J . 8.61 8.88 13.87
O43 LP5 J . 8.61 10.18 13.22
C31 LP5 J . 8.99 7.79 12.86
C32 LP5 J . 9.93 8.27 11.74
C33 LP5 J . 11.42 8.30 12.14
C34 LP5 J . 11.87 9.67 12.69
C35 LP5 J . 13.05 9.68 13.66
C36 LP5 J . 14.42 9.36 13.04
C37 LP5 J . 15.01 8.04 13.52
C38 LP5 J . 16.04 8.23 14.62
C39 LP5 J . 15.68 7.39 15.83
C40 LP5 J . 16.91 6.79 16.48
C41 LP5 J . 16.52 5.71 17.47
#